data_5JGM
#
_entry.id   5JGM
#
_cell.length_a   91.182
_cell.length_b   65.407
_cell.length_c   71.064
_cell.angle_alpha   90.00
_cell.angle_beta   96.64
_cell.angle_gamma   90.00
#
_symmetry.space_group_name_H-M   'C 1 2 1'
#
loop_
_entity.id
_entity.type
_entity.pdbx_description
1 polymer 'Queuine tRNA-ribosyltransferase'
2 non-polymer GLYCEROL
3 non-polymer 'ZINC ION'
4 non-polymer 1,2-ETHANEDIOL
5 non-polymer 'ethyl [2-(methylamino)-8-oxo-7,8-dihydro-1H-imidazo[4,5-g]quinazolin-6-yl]carbamate'
6 non-polymer 'CHLORIDE ION'
7 water water
#
_entity_poly.entity_id   1
_entity_poly.type   'polypeptide(L)'
_entity_poly.pdbx_seq_one_letter_code
;MVEATAQETDRPRFSFSIAAREGKARTGTIEMKRGVIRTPAFMPVGTAATVKALKPETVRATGADIILGNTYHLMLRPGA
ERIAKLGGLHSFMGWDRPILTDSGGYQVMSLSSLTKQSEEGVTFKSHLDGSRHMLSPERSIEIQHLLGSDIVMAFDECTP
YPATPSRAASSMERSMRWAKRSRDAFDSRKEQAENAALFGIQQGSVFENLRQQSADALAEIGFDGYAVGGLAVGEGQDEM
FRVLDFSVPMLPDDKPHYLMGVGKPDDIVGAVERGIDMFDCVLPTRSGRNGQAFTWDGPINIRNARFSEDLKPLDSECHC
AVCQKWSRAYIHHLIRAGEILGAMLMTEHNIAFYQQLMQKIRDSISEGRFSQFAQDFRARYFARNS
;
_entity_poly.pdbx_strand_id   A
#
loop_
_chem_comp.id
_chem_comp.type
_chem_comp.name
_chem_comp.formula
810 non-polymer 'ethyl [2-(methylamino)-8-oxo-7,8-dihydro-1H-imidazo[4,5-g]quinazolin-6-yl]carbamate' 'C13 H14 N6 O3'
CL non-polymer 'CHLORIDE ION' 'Cl -1'
EDO non-polymer 1,2-ETHANEDIOL 'C2 H6 O2'
GOL non-polymer GLYCEROL 'C3 H8 O3'
ZN non-polymer 'ZINC ION' 'Zn 2'
#
# COMPACT_ATOMS: atom_id res chain seq x y z
N ASP A 10 -15.91 12.12 -19.34
CA ASP A 10 -15.42 10.93 -18.63
C ASP A 10 -13.96 11.10 -18.19
N ARG A 11 -13.62 10.47 -17.06
CA ARG A 11 -12.27 10.57 -16.54
C ARG A 11 -11.26 9.94 -17.49
N PRO A 12 -10.02 10.40 -17.46
CA PRO A 12 -8.97 9.80 -18.28
C PRO A 12 -8.53 8.43 -17.73
N ARG A 13 -7.77 7.71 -18.55
CA ARG A 13 -7.09 6.51 -18.06
C ARG A 13 -6.23 6.83 -16.84
N PHE A 14 -5.47 7.92 -16.91
CA PHE A 14 -4.59 8.26 -15.79
C PHE A 14 -4.17 9.72 -15.92
N SER A 15 -4.40 10.49 -14.86
N SER A 15 -4.33 10.49 -14.83
CA SER A 15 -3.90 11.86 -14.79
CA SER A 15 -3.89 11.88 -14.81
C SER A 15 -3.58 12.18 -13.34
C SER A 15 -3.59 12.29 -13.38
N PHE A 16 -2.32 12.49 -13.07
CA PHE A 16 -1.89 12.93 -11.75
C PHE A 16 -1.67 14.44 -11.76
N SER A 17 -2.31 15.13 -10.83
N SER A 17 -2.32 15.13 -10.83
CA SER A 17 -2.21 16.59 -10.74
CA SER A 17 -2.22 16.57 -10.71
C SER A 17 -1.87 17.00 -9.32
C SER A 17 -1.80 16.91 -9.30
N ILE A 18 -0.86 17.84 -9.18
CA ILE A 18 -0.38 18.33 -7.89
C ILE A 18 -1.03 19.69 -7.64
N ALA A 19 -1.83 19.80 -6.58
CA ALA A 19 -2.54 21.03 -6.26
C ALA A 19 -1.79 21.93 -5.30
N ALA A 20 -0.96 21.37 -4.43
CA ALA A 20 -0.25 22.18 -3.46
C ALA A 20 0.99 21.43 -3.00
N ARG A 21 2.00 22.17 -2.56
N ARG A 21 2.00 22.18 -2.57
CA ARG A 21 3.27 21.60 -2.14
CA ARG A 21 3.27 21.62 -2.13
C ARG A 21 3.81 22.34 -0.93
C ARG A 21 3.70 22.30 -0.84
N GLU A 22 4.56 21.61 -0.10
CA GLU A 22 5.26 22.20 1.03
C GLU A 22 6.54 21.41 1.21
N GLY A 23 7.68 22.04 0.93
CA GLY A 23 8.93 21.29 0.91
C GLY A 23 8.83 20.20 -0.13
N LYS A 24 9.20 18.98 0.26
CA LYS A 24 9.09 17.84 -0.65
C LYS A 24 7.68 17.24 -0.68
N ALA A 25 6.79 17.64 0.23
CA ALA A 25 5.46 17.04 0.30
C ALA A 25 4.56 17.64 -0.78
N ARG A 26 3.66 16.82 -1.30
CA ARG A 26 2.70 17.24 -2.32
C ARG A 26 1.32 16.72 -1.94
N THR A 27 0.29 17.45 -2.35
CA THR A 27 -1.06 16.95 -2.28
C THR A 27 -1.74 17.18 -3.62
N GLY A 28 -2.58 16.23 -4.02
CA GLY A 28 -3.23 16.32 -5.31
C GLY A 28 -4.18 15.18 -5.56
N THR A 29 -4.36 14.81 -6.83
CA THR A 29 -5.31 13.78 -7.20
C THR A 29 -4.77 12.97 -8.36
N ILE A 30 -5.10 11.68 -8.36
CA ILE A 30 -4.97 10.82 -9.52
C ILE A 30 -6.38 10.55 -10.03
N GLU A 31 -6.65 10.92 -11.28
CA GLU A 31 -7.92 10.60 -11.92
C GLU A 31 -7.75 9.36 -12.78
N MET A 32 -8.64 8.38 -12.58
CA MET A 32 -8.65 7.15 -13.36
C MET A 32 -10.09 6.86 -13.74
N LYS A 33 -10.27 5.88 -14.62
CA LYS A 33 -11.61 5.61 -15.13
C LYS A 33 -12.59 5.26 -14.01
N ARG A 34 -12.12 4.52 -13.00
N ARG A 34 -12.12 4.50 -13.00
CA ARG A 34 -12.99 4.03 -11.94
CA ARG A 34 -13.03 4.05 -11.95
C ARG A 34 -13.08 4.96 -10.74
C ARG A 34 -13.17 5.02 -10.79
N GLY A 35 -12.40 6.11 -10.76
CA GLY A 35 -12.55 7.07 -9.69
C GLY A 35 -11.34 7.96 -9.51
N VAL A 36 -11.49 8.91 -8.58
CA VAL A 36 -10.43 9.85 -8.20
C VAL A 36 -9.77 9.36 -6.92
N ILE A 37 -8.44 9.46 -6.88
CA ILE A 37 -7.65 9.09 -5.72
C ILE A 37 -7.02 10.37 -5.17
N ARG A 38 -7.35 10.71 -3.93
CA ARG A 38 -6.75 11.86 -3.26
C ARG A 38 -5.39 11.48 -2.68
N THR A 39 -4.39 12.31 -2.94
CA THR A 39 -3.02 12.01 -2.48
C THR A 39 -2.51 13.12 -1.55
N PRO A 40 -1.70 12.77 -0.54
CA PRO A 40 -1.24 11.41 -0.25
C PRO A 40 -2.38 10.45 0.15
N ALA A 41 -2.27 9.20 -0.31
CA ALA A 41 -3.32 8.20 -0.21
C ALA A 41 -2.84 7.01 0.61
N PHE A 42 -3.74 6.45 1.42
CA PHE A 42 -3.51 5.16 2.05
C PHE A 42 -4.47 4.13 1.48
N MET A 43 -3.92 2.98 1.07
CA MET A 43 -4.68 1.89 0.47
C MET A 43 -4.87 0.79 1.49
N PRO A 44 -6.09 0.53 1.96
CA PRO A 44 -6.35 -0.68 2.75
C PRO A 44 -6.02 -1.90 1.90
N VAL A 45 -5.58 -2.96 2.56
CA VAL A 45 -5.10 -4.15 1.87
C VAL A 45 -6.22 -5.17 1.79
N GLY A 46 -6.57 -5.55 0.56
CA GLY A 46 -7.44 -6.67 0.28
C GLY A 46 -6.57 -7.87 -0.06
N THR A 47 -6.41 -8.77 0.89
CA THR A 47 -5.51 -9.88 0.69
C THR A 47 -6.06 -10.81 -0.40
N ALA A 48 -7.08 -11.59 -0.06
CA ALA A 48 -7.66 -12.51 -1.03
C ALA A 48 -9.09 -12.09 -1.39
N ALA A 49 -9.20 -10.92 -2.03
CA ALA A 49 -10.47 -10.39 -2.52
C ALA A 49 -11.40 -9.96 -1.39
N THR A 50 -10.83 -9.58 -0.24
CA THR A 50 -11.60 -8.95 0.83
C THR A 50 -10.63 -8.16 1.71
N VAL A 51 -11.02 -6.94 2.05
CA VAL A 51 -10.36 -6.21 3.13
C VAL A 51 -10.88 -6.86 4.41
N LYS A 52 -10.01 -7.56 5.12
CA LYS A 52 -10.48 -8.52 6.11
C LYS A 52 -11.43 -7.88 7.13
N ALA A 53 -12.60 -8.50 7.30
CA ALA A 53 -13.61 -8.15 8.29
C ALA A 53 -14.45 -6.93 7.93
N LEU A 54 -14.36 -6.40 6.70
CA LEU A 54 -15.14 -5.23 6.28
C LEU A 54 -15.84 -5.48 4.96
N LYS A 55 -17.12 -5.12 4.88
CA LYS A 55 -17.75 -4.97 3.58
C LYS A 55 -17.10 -3.83 2.81
N PRO A 56 -17.11 -3.90 1.47
CA PRO A 56 -16.55 -2.79 0.68
C PRO A 56 -17.22 -1.44 0.96
N GLU A 57 -18.53 -1.42 1.22
CA GLU A 57 -19.19 -0.16 1.56
C GLU A 57 -18.59 0.43 2.83
N THR A 58 -18.19 -0.42 3.78
CA THR A 58 -17.56 0.09 5.00
C THR A 58 -16.16 0.61 4.71
N VAL A 59 -15.40 -0.09 3.88
CA VAL A 59 -14.10 0.43 3.43
C VAL A 59 -14.27 1.83 2.85
N ARG A 60 -15.26 1.99 1.97
CA ARG A 60 -15.48 3.30 1.36
C ARG A 60 -15.92 4.34 2.39
N ALA A 61 -16.79 3.94 3.33
CA ALA A 61 -17.28 4.89 4.33
C ALA A 61 -16.14 5.46 5.17
N THR A 62 -15.04 4.70 5.35
CA THR A 62 -13.91 5.21 6.11
C THR A 62 -13.13 6.27 5.36
N GLY A 63 -13.36 6.42 4.05
CA GLY A 63 -12.68 7.40 3.24
C GLY A 63 -11.71 6.85 2.21
N ALA A 64 -11.55 5.53 2.11
CA ALA A 64 -10.62 4.97 1.15
C ALA A 64 -11.09 5.22 -0.28
N ASP A 65 -10.14 5.62 -1.13
CA ASP A 65 -10.40 5.84 -2.55
C ASP A 65 -9.95 4.68 -3.43
N ILE A 66 -9.10 3.80 -2.89
CA ILE A 66 -8.46 2.74 -3.66
C ILE A 66 -8.00 1.71 -2.65
N ILE A 67 -8.04 0.44 -3.04
CA ILE A 67 -7.55 -0.67 -2.22
C ILE A 67 -6.49 -1.44 -2.99
N LEU A 68 -5.72 -2.23 -2.25
CA LEU A 68 -4.69 -3.08 -2.82
C LEU A 68 -5.15 -4.54 -2.83
N GLY A 69 -4.83 -5.27 -3.90
CA GLY A 69 -5.04 -6.71 -3.95
C GLY A 69 -3.74 -7.47 -4.13
N ASN A 70 -3.61 -8.63 -3.44
CA ASN A 70 -2.41 -9.45 -3.45
C ASN A 70 -2.46 -10.47 -4.59
N THR A 71 -1.64 -10.25 -5.62
CA THR A 71 -1.57 -11.17 -6.76
C THR A 71 -1.17 -12.58 -6.35
N TYR A 72 -0.19 -12.72 -5.45
CA TYR A 72 0.26 -14.04 -5.04
C TYR A 72 -0.90 -14.86 -4.46
N HIS A 73 -1.69 -14.26 -3.58
CA HIS A 73 -2.79 -15.01 -2.99
C HIS A 73 -3.90 -15.29 -4.01
N LEU A 74 -4.27 -14.27 -4.79
CA LEU A 74 -5.40 -14.41 -5.71
C LEU A 74 -5.13 -15.44 -6.80
N MET A 75 -3.87 -15.56 -7.24
CA MET A 75 -3.56 -16.56 -8.27
C MET A 75 -3.66 -17.97 -7.72
N LEU A 76 -3.54 -18.15 -6.41
CA LEU A 76 -3.66 -19.47 -5.79
C LEU A 76 -5.10 -19.78 -5.40
N ARG A 77 -5.81 -18.80 -4.86
CA ARG A 77 -7.20 -18.98 -4.46
C ARG A 77 -7.87 -17.61 -4.52
N PRO A 78 -8.93 -17.47 -5.34
CA PRO A 78 -9.62 -18.52 -6.10
C PRO A 78 -9.03 -18.83 -7.47
N GLY A 79 -8.02 -18.10 -7.91
CA GLY A 79 -7.43 -18.27 -9.23
C GLY A 79 -7.72 -17.06 -10.12
N ALA A 80 -6.73 -16.66 -10.91
CA ALA A 80 -6.87 -15.46 -11.74
C ALA A 80 -7.83 -15.70 -12.89
N GLU A 81 -7.68 -16.82 -13.59
CA GLU A 81 -8.59 -17.12 -14.70
C GLU A 81 -10.02 -17.26 -14.21
N ARG A 82 -10.21 -17.87 -13.06
CA ARG A 82 -11.55 -18.00 -12.49
C ARG A 82 -12.16 -16.62 -12.21
N ILE A 83 -11.40 -15.72 -11.59
CA ILE A 83 -11.92 -14.38 -11.33
C ILE A 83 -12.28 -13.69 -12.64
N ALA A 84 -11.45 -13.84 -13.68
CA ALA A 84 -11.79 -13.25 -14.96
C ALA A 84 -13.08 -13.81 -15.51
N LYS A 85 -13.27 -15.14 -15.43
CA LYS A 85 -14.50 -15.76 -15.91
C LYS A 85 -15.71 -15.24 -15.17
N LEU A 86 -15.54 -14.88 -13.90
CA LEU A 86 -16.65 -14.37 -13.09
C LEU A 86 -16.86 -12.87 -13.26
N GLY A 87 -16.06 -12.21 -14.08
CA GLY A 87 -16.29 -10.81 -14.38
C GLY A 87 -15.25 -9.86 -13.84
N GLY A 88 -14.19 -10.36 -13.22
CA GLY A 88 -13.12 -9.52 -12.71
C GLY A 88 -13.24 -9.29 -11.22
N LEU A 89 -12.13 -8.81 -10.62
CA LEU A 89 -12.05 -8.65 -9.18
C LEU A 89 -13.06 -7.63 -8.66
N HIS A 90 -13.29 -6.54 -9.40
CA HIS A 90 -14.20 -5.50 -8.92
C HIS A 90 -15.60 -6.05 -8.68
N SER A 91 -16.15 -6.70 -9.71
N SER A 91 -16.16 -6.72 -9.69
CA SER A 91 -17.47 -7.31 -9.59
CA SER A 91 -17.51 -7.26 -9.49
C SER A 91 -17.48 -8.43 -8.56
C SER A 91 -17.50 -8.46 -8.55
N PHE A 92 -16.42 -9.26 -8.56
CA PHE A 92 -16.34 -10.41 -7.67
C PHE A 92 -16.47 -9.99 -6.21
N MET A 93 -15.68 -9.00 -5.79
CA MET A 93 -15.70 -8.60 -4.38
C MET A 93 -16.63 -7.42 -4.08
N GLY A 94 -17.15 -6.75 -5.11
CA GLY A 94 -18.08 -5.66 -4.87
C GLY A 94 -17.44 -4.33 -4.54
N TRP A 95 -16.24 -4.07 -5.08
CA TRP A 95 -15.58 -2.77 -4.95
C TRP A 95 -15.44 -2.21 -6.37
N ASP A 96 -16.11 -1.09 -6.64
CA ASP A 96 -16.18 -0.56 -8.00
C ASP A 96 -15.19 0.57 -8.27
N ARG A 97 -14.35 0.90 -7.31
CA ARG A 97 -13.36 1.97 -7.41
C ARG A 97 -11.99 1.41 -7.80
N PRO A 98 -10.96 2.23 -7.94
CA PRO A 98 -9.67 1.70 -8.35
C PRO A 98 -9.12 0.66 -7.39
N ILE A 99 -8.43 -0.33 -7.98
CA ILE A 99 -7.67 -1.35 -7.27
C ILE A 99 -6.26 -1.35 -7.82
N LEU A 100 -5.28 -1.28 -6.93
CA LEU A 100 -3.89 -1.50 -7.27
C LEU A 100 -3.57 -2.95 -6.94
N THR A 101 -2.96 -3.67 -7.88
CA THR A 101 -2.50 -5.02 -7.60
C THR A 101 -0.99 -5.03 -7.50
N ASP A 102 -0.47 -5.75 -6.49
CA ASP A 102 0.96 -5.97 -6.46
C ASP A 102 1.36 -7.00 -7.52
N SER A 103 2.66 -7.19 -7.70
CA SER A 103 3.13 -8.02 -8.80
C SER A 103 3.25 -9.49 -8.45
N GLY A 104 3.28 -9.83 -7.16
CA GLY A 104 3.61 -11.16 -6.74
C GLY A 104 5.09 -11.38 -6.43
N GLY A 105 5.97 -10.50 -6.89
CA GLY A 105 7.41 -10.72 -6.76
C GLY A 105 7.93 -10.70 -5.34
N TYR A 106 7.21 -10.04 -4.43
CA TYR A 106 7.62 -9.96 -3.03
C TYR A 106 7.04 -11.10 -2.23
N GLN A 107 5.72 -11.31 -2.35
CA GLN A 107 5.07 -12.36 -1.57
C GLN A 107 5.52 -13.76 -2.01
N VAL A 108 5.87 -13.96 -3.28
CA VAL A 108 6.35 -15.27 -3.68
C VAL A 108 7.59 -15.65 -2.89
N MET A 109 8.45 -14.68 -2.60
CA MET A 109 9.68 -14.96 -1.86
C MET A 109 9.48 -14.97 -0.35
N SER A 110 8.50 -14.23 0.17
CA SER A 110 8.29 -14.21 1.61
C SER A 110 7.37 -15.31 2.11
N LEU A 111 6.46 -15.81 1.27
CA LEU A 111 5.39 -16.69 1.71
C LEU A 111 5.45 -18.11 1.16
N SER A 112 6.20 -18.38 0.10
CA SER A 112 6.23 -19.71 -0.48
C SER A 112 7.13 -20.62 0.35
N SER A 113 6.81 -21.91 0.34
CA SER A 113 7.61 -22.89 1.07
C SER A 113 8.89 -23.24 0.31
N LEU A 114 8.83 -23.27 -1.02
CA LEU A 114 9.99 -23.58 -1.85
C LEU A 114 9.95 -22.67 -3.07
N THR A 115 11.10 -22.12 -3.43
CA THR A 115 11.20 -21.24 -4.59
C THR A 115 12.45 -21.58 -5.39
N LYS A 116 12.38 -21.34 -6.69
CA LYS A 116 13.52 -21.43 -7.59
C LYS A 116 13.55 -20.16 -8.42
N GLN A 117 14.57 -19.34 -8.23
CA GLN A 117 14.69 -18.06 -8.92
C GLN A 117 15.61 -18.20 -10.13
N SER A 118 15.26 -17.50 -11.20
CA SER A 118 16.06 -17.48 -12.41
C SER A 118 15.79 -16.17 -13.15
N GLU A 119 16.52 -15.97 -14.25
CA GLU A 119 16.28 -14.79 -15.08
C GLU A 119 14.87 -14.79 -15.66
N GLU A 120 14.27 -15.97 -15.83
CA GLU A 120 12.93 -16.04 -16.41
C GLU A 120 11.87 -15.58 -15.41
N GLY A 121 12.06 -15.88 -14.14
CA GLY A 121 11.07 -15.58 -13.11
C GLY A 121 11.29 -16.47 -11.89
N VAL A 122 10.19 -16.80 -11.22
CA VAL A 122 10.22 -17.61 -10.00
C VAL A 122 9.25 -18.77 -10.14
N THR A 123 9.73 -19.99 -9.94
CA THR A 123 8.83 -21.13 -9.75
C THR A 123 8.73 -21.42 -8.26
N PHE A 124 7.54 -21.86 -7.83
CA PHE A 124 7.31 -21.99 -6.39
C PHE A 124 6.25 -23.02 -6.10
N LYS A 125 6.24 -23.48 -4.85
CA LYS A 125 5.22 -24.37 -4.32
C LYS A 125 4.35 -23.61 -3.34
N SER A 126 3.04 -23.83 -3.42
CA SER A 126 2.09 -23.15 -2.55
C SER A 126 2.04 -23.82 -1.19
N HIS A 127 1.68 -23.03 -0.17
CA HIS A 127 1.44 -23.60 1.15
C HIS A 127 0.13 -24.38 1.19
N LEU A 128 -0.80 -24.08 0.28
CA LEU A 128 -2.07 -24.80 0.21
C LEU A 128 -1.96 -26.01 -0.70
N SER A 131 1.14 -27.92 -4.96
CA SER A 131 1.14 -27.69 -6.41
C SER A 131 2.25 -26.73 -6.79
N ARG A 132 2.81 -26.91 -7.99
CA ARG A 132 3.86 -26.05 -8.50
C ARG A 132 3.26 -24.92 -9.31
N HIS A 133 3.84 -23.73 -9.16
CA HIS A 133 3.33 -22.54 -9.82
C HIS A 133 4.48 -21.70 -10.36
N MET A 134 4.15 -20.75 -11.23
CA MET A 134 5.16 -19.99 -11.92
C MET A 134 4.76 -18.52 -11.94
N LEU A 135 5.74 -17.65 -11.73
CA LEU A 135 5.57 -16.22 -11.88
C LEU A 135 6.74 -15.66 -12.67
N SER A 136 6.45 -14.80 -13.62
CA SER A 136 7.43 -14.15 -14.46
C SER A 136 6.88 -12.75 -14.69
N PRO A 137 7.66 -11.83 -15.26
CA PRO A 137 7.07 -10.53 -15.64
C PRO A 137 5.83 -10.70 -16.50
N GLU A 138 5.89 -11.56 -17.50
CA GLU A 138 4.76 -11.73 -18.42
C GLU A 138 3.54 -12.33 -17.72
N ARG A 139 3.76 -13.37 -16.91
CA ARG A 139 2.63 -13.99 -16.21
C ARG A 139 2.04 -13.05 -15.17
N SER A 140 2.90 -12.30 -14.48
CA SER A 140 2.41 -11.33 -13.49
C SER A 140 1.50 -10.28 -14.12
N ILE A 141 1.96 -9.68 -15.24
CA ILE A 141 1.15 -8.69 -15.93
C ILE A 141 -0.15 -9.32 -16.41
N GLU A 142 -0.08 -10.56 -16.89
CA GLU A 142 -1.29 -11.25 -17.35
C GLU A 142 -2.28 -11.48 -16.21
N ILE A 143 -1.78 -11.95 -15.05
CA ILE A 143 -2.67 -12.16 -13.90
C ILE A 143 -3.33 -10.85 -13.51
N GLN A 144 -2.55 -9.77 -13.44
CA GLN A 144 -3.11 -8.50 -13.07
C GLN A 144 -4.16 -8.04 -14.07
N HIS A 145 -3.96 -8.36 -15.35
CA HIS A 145 -4.99 -8.08 -16.35
C HIS A 145 -6.24 -8.92 -16.11
N LEU A 146 -6.08 -10.21 -15.85
CA LEU A 146 -7.23 -11.07 -15.61
C LEU A 146 -8.04 -10.61 -14.40
N LEU A 147 -7.35 -10.11 -13.38
CA LEU A 147 -8.05 -9.54 -12.23
C LEU A 147 -8.76 -8.24 -12.56
N GLY A 148 -8.36 -7.55 -13.62
CA GLY A 148 -8.95 -6.27 -13.94
C GLY A 148 -8.39 -5.11 -13.14
N SER A 149 -7.12 -5.22 -12.75
CA SER A 149 -6.44 -4.19 -11.98
C SER A 149 -6.46 -2.84 -12.68
N ASP A 150 -6.60 -1.78 -11.89
CA ASP A 150 -6.46 -0.42 -12.41
C ASP A 150 -5.02 0.08 -12.41
N ILE A 151 -4.29 -0.16 -11.32
CA ILE A 151 -2.87 0.15 -11.26
C ILE A 151 -2.11 -1.17 -11.16
N VAL A 152 -1.35 -1.45 -12.22
CA VAL A 152 -0.57 -2.67 -12.37
C VAL A 152 0.85 -2.39 -11.93
N MET A 153 1.43 -3.28 -11.12
CA MET A 153 2.81 -3.12 -10.66
C MET A 153 3.76 -4.00 -11.47
N ALA A 154 4.87 -3.41 -11.90
CA ALA A 154 5.93 -4.19 -12.53
C ALA A 154 6.41 -5.31 -11.62
N PHE A 155 6.76 -6.45 -12.23
CA PHE A 155 7.25 -7.60 -11.50
C PHE A 155 8.72 -7.39 -11.14
N ASP A 156 9.02 -7.38 -9.84
CA ASP A 156 10.35 -7.02 -9.34
C ASP A 156 10.86 -8.08 -8.37
N GLU A 157 12.04 -7.80 -7.83
CA GLU A 157 12.68 -8.61 -6.79
C GLU A 157 13.05 -7.67 -5.65
N CYS A 158 12.54 -7.96 -4.45
CA CYS A 158 12.84 -7.18 -3.26
C CYS A 158 14.08 -7.77 -2.60
N THR A 159 15.21 -7.09 -2.74
CA THR A 159 16.46 -7.58 -2.21
C THR A 159 16.38 -7.71 -0.69
N PRO A 160 16.80 -8.84 -0.11
CA PRO A 160 16.81 -8.94 1.35
C PRO A 160 17.75 -7.94 1.99
N TYR A 161 17.41 -7.53 3.22
CA TYR A 161 18.24 -6.62 4.00
C TYR A 161 18.81 -7.37 5.22
N PRO A 162 20.11 -7.17 5.50
CA PRO A 162 21.05 -6.35 4.73
C PRO A 162 21.53 -7.04 3.46
N ALA A 163 21.98 -6.25 2.50
CA ALA A 163 22.49 -6.76 1.23
C ALA A 163 23.88 -6.19 0.99
N THR A 164 24.77 -7.03 0.48
CA THR A 164 26.07 -6.53 0.06
C THR A 164 25.90 -5.70 -1.21
N PRO A 165 26.82 -4.77 -1.47
CA PRO A 165 26.74 -4.00 -2.72
C PRO A 165 26.65 -4.87 -3.96
N SER A 166 27.41 -5.97 -4.02
CA SER A 166 27.36 -6.83 -5.20
C SER A 166 25.98 -7.44 -5.39
N ARG A 167 25.42 -8.00 -4.32
CA ARG A 167 24.13 -8.66 -4.43
C ARG A 167 23.01 -7.66 -4.67
N ALA A 168 23.08 -6.50 -4.02
CA ALA A 168 22.10 -5.46 -4.28
C ALA A 168 22.15 -5.03 -5.74
N ALA A 169 23.36 -4.90 -6.30
CA ALA A 169 23.47 -4.49 -7.70
C ALA A 169 22.90 -5.55 -8.64
N SER A 170 23.29 -6.80 -8.44
CA SER A 170 22.79 -7.88 -9.29
C SER A 170 21.28 -7.97 -9.22
N SER A 171 20.71 -7.83 -8.02
CA SER A 171 19.26 -7.91 -7.86
C SER A 171 18.58 -6.75 -8.55
N MET A 172 19.10 -5.53 -8.35
CA MET A 172 18.51 -4.35 -8.99
C MET A 172 18.59 -4.46 -10.51
N GLU A 173 19.71 -4.95 -11.04
CA GLU A 173 19.85 -5.08 -12.48
C GLU A 173 18.82 -6.03 -13.06
N ARG A 174 18.61 -7.18 -12.39
N ARG A 174 18.60 -7.18 -12.39
CA ARG A 174 17.56 -8.10 -12.81
CA ARG A 174 17.56 -8.09 -12.83
C ARG A 174 16.19 -7.43 -12.74
C ARG A 174 16.19 -7.42 -12.76
N SER A 175 15.92 -6.70 -11.66
CA SER A 175 14.63 -6.00 -11.55
C SER A 175 14.42 -5.02 -12.70
N MET A 176 15.50 -4.37 -13.16
CA MET A 176 15.32 -3.41 -14.26
C MET A 176 15.06 -4.12 -15.58
N ARG A 177 15.72 -5.26 -15.80
CA ARG A 177 15.37 -6.05 -16.98
C ARG A 177 13.92 -6.52 -16.91
N TRP A 178 13.48 -6.93 -15.71
CA TRP A 178 12.08 -7.33 -15.52
C TRP A 178 11.12 -6.15 -15.68
N ALA A 179 11.56 -4.94 -15.34
CA ALA A 179 10.71 -3.75 -15.52
C ALA A 179 10.45 -3.51 -17.00
N LYS A 180 11.48 -3.68 -17.85
CA LYS A 180 11.27 -3.54 -19.28
C LYS A 180 10.34 -4.63 -19.81
N ARG A 181 10.52 -5.87 -19.36
CA ARG A 181 9.62 -6.95 -19.79
C ARG A 181 8.19 -6.68 -19.32
N SER A 182 8.03 -6.11 -18.12
CA SER A 182 6.70 -5.77 -17.63
C SER A 182 6.05 -4.71 -18.49
N ARG A 183 6.81 -3.67 -18.83
CA ARG A 183 6.33 -2.60 -19.70
C ARG A 183 5.84 -3.16 -21.04
N ASP A 184 6.64 -4.04 -21.64
CA ASP A 184 6.31 -4.55 -22.97
C ASP A 184 5.10 -5.47 -22.92
N ALA A 185 5.00 -6.31 -21.88
CA ALA A 185 3.84 -7.17 -21.72
C ALA A 185 2.56 -6.35 -21.58
N PHE A 186 2.61 -5.33 -20.72
CA PHE A 186 1.48 -4.43 -20.49
C PHE A 186 1.07 -3.74 -21.80
N ASP A 187 2.05 -3.22 -22.55
CA ASP A 187 1.73 -2.46 -23.75
C ASP A 187 1.18 -3.34 -24.87
N SER A 188 1.52 -4.63 -24.88
N SER A 188 1.52 -4.63 -24.87
CA SER A 188 1.06 -5.54 -25.92
CA SER A 188 1.04 -5.50 -25.94
C SER A 188 -0.36 -6.05 -25.70
C SER A 188 -0.44 -5.82 -25.80
N ARG A 189 -1.00 -5.66 -24.61
CA ARG A 189 -2.38 -6.03 -24.33
C ARG A 189 -3.22 -4.76 -24.42
N LYS A 190 -3.90 -4.61 -25.56
CA LYS A 190 -4.52 -3.33 -25.91
C LYS A 190 -5.51 -2.86 -24.85
N GLU A 191 -6.36 -3.77 -24.37
CA GLU A 191 -7.38 -3.38 -23.40
C GLU A 191 -6.74 -2.93 -22.09
N GLN A 192 -5.68 -3.59 -21.67
CA GLN A 192 -4.97 -3.20 -20.44
C GLN A 192 -4.28 -1.85 -20.61
N ALA A 193 -3.54 -1.68 -21.72
CA ALA A 193 -2.84 -0.43 -21.96
C ALA A 193 -3.79 0.77 -22.03
N GLU A 194 -5.01 0.56 -22.54
CA GLU A 194 -5.93 1.68 -22.70
C GLU A 194 -6.68 2.04 -21.42
N ASN A 195 -6.79 1.11 -20.47
CA ASN A 195 -7.67 1.31 -19.32
C ASN A 195 -6.99 1.27 -17.97
N ALA A 196 -5.76 0.76 -17.89
CA ALA A 196 -5.02 0.65 -16.65
C ALA A 196 -3.76 1.51 -16.71
N ALA A 197 -3.10 1.63 -15.57
CA ALA A 197 -1.81 2.29 -15.46
C ALA A 197 -0.76 1.27 -15.01
N LEU A 198 0.49 1.59 -15.28
CA LEU A 198 1.61 0.71 -14.93
C LEU A 198 2.64 1.51 -14.14
N PHE A 199 3.00 1.01 -12.95
CA PHE A 199 4.03 1.63 -12.13
C PHE A 199 5.30 0.78 -12.13
N GLY A 200 6.46 1.44 -12.16
CA GLY A 200 7.74 0.78 -12.01
C GLY A 200 8.23 0.86 -10.58
N ILE A 201 9.15 -0.04 -10.22
CA ILE A 201 9.63 -0.15 -8.84
C ILE A 201 11.15 0.01 -8.80
N GLN A 202 11.60 1.04 -8.09
CA GLN A 202 13.03 1.28 -7.88
C GLN A 202 13.58 0.29 -6.85
N GLN A 203 14.76 -0.25 -7.13
CA GLN A 203 15.48 -1.11 -6.19
C GLN A 203 16.87 -0.49 -5.94
N GLY A 204 17.76 -1.27 -5.32
CA GLY A 204 19.09 -0.78 -5.00
C GLY A 204 19.44 -0.79 -3.52
N SER A 205 18.59 -1.39 -2.69
CA SER A 205 18.88 -1.54 -1.25
C SER A 205 19.12 -0.15 -0.67
N VAL A 206 20.16 0.05 0.13
CA VAL A 206 20.43 1.31 0.80
C VAL A 206 21.49 2.14 0.09
N PHE A 207 21.84 1.78 -1.15
CA PHE A 207 23.01 2.34 -1.82
C PHE A 207 22.60 3.41 -2.82
N GLU A 208 23.10 4.63 -2.61
CA GLU A 208 22.68 5.77 -3.42
C GLU A 208 22.98 5.57 -4.90
N ASN A 209 24.17 5.06 -5.24
CA ASN A 209 24.50 4.89 -6.64
C ASN A 209 23.58 3.88 -7.33
N LEU A 210 23.21 2.80 -6.63
CA LEU A 210 22.32 1.81 -7.22
C LEU A 210 20.92 2.37 -7.36
N ARG A 211 20.47 3.13 -6.35
CA ARG A 211 19.17 3.79 -6.43
C ARG A 211 19.12 4.73 -7.62
N GLN A 212 20.23 5.43 -7.90
CA GLN A 212 20.26 6.34 -9.05
C GLN A 212 20.21 5.58 -10.37
N GLN A 213 20.99 4.50 -10.47
N GLN A 213 20.99 4.50 -10.47
CA GLN A 213 20.95 3.68 -11.68
CA GLN A 213 20.94 3.70 -11.69
C GLN A 213 19.57 3.11 -11.91
C GLN A 213 19.56 3.13 -11.91
N SER A 214 18.90 2.69 -10.83
CA SER A 214 17.55 2.14 -10.96
C SER A 214 16.56 3.22 -11.39
N ALA A 215 16.61 4.39 -10.78
CA ALA A 215 15.73 5.48 -11.19
C ALA A 215 15.94 5.85 -12.66
N ASP A 216 17.19 5.92 -13.10
CA ASP A 216 17.48 6.24 -14.50
C ASP A 216 16.92 5.18 -15.44
N ALA A 217 17.06 3.90 -15.08
CA ALA A 217 16.54 2.83 -15.93
C ALA A 217 15.02 2.91 -16.01
N LEU A 218 14.35 3.16 -14.89
CA LEU A 218 12.90 3.22 -14.90
C LEU A 218 12.41 4.42 -15.71
N ALA A 219 13.07 5.57 -15.57
CA ALA A 219 12.64 6.75 -16.30
C ALA A 219 12.85 6.59 -17.80
N GLU A 220 13.90 5.85 -18.19
CA GLU A 220 14.12 5.60 -19.61
C GLU A 220 13.02 4.72 -20.19
N ILE A 221 12.60 3.71 -19.44
CA ILE A 221 11.48 2.87 -19.87
C ILE A 221 10.20 3.68 -19.90
N GLY A 222 9.92 4.41 -18.82
CA GLY A 222 8.76 5.26 -18.72
C GLY A 222 7.59 4.54 -18.05
N PHE A 223 7.09 5.09 -16.94
CA PHE A 223 5.96 4.52 -16.22
C PHE A 223 4.98 5.62 -15.85
N ASP A 224 3.78 5.20 -15.44
CA ASP A 224 2.78 6.16 -14.96
C ASP A 224 3.03 6.60 -13.53
N GLY A 225 3.78 5.81 -12.77
CA GLY A 225 4.12 6.14 -11.39
C GLY A 225 5.33 5.31 -11.02
N TYR A 226 5.94 5.68 -9.90
CA TYR A 226 7.21 5.06 -9.50
C TYR A 226 7.17 4.74 -8.02
N ALA A 227 7.52 3.50 -7.68
CA ALA A 227 7.55 3.06 -6.29
C ALA A 227 8.99 2.99 -5.81
N VAL A 228 9.18 3.26 -4.52
CA VAL A 228 10.46 3.01 -3.86
C VAL A 228 10.35 1.62 -3.24
N GLY A 229 10.89 0.61 -3.94
CA GLY A 229 10.89 -0.73 -3.42
C GLY A 229 12.06 -1.00 -2.49
N GLY A 230 12.06 -2.19 -1.90
CA GLY A 230 13.20 -2.68 -1.16
C GLY A 230 13.37 -2.11 0.24
N LEU A 231 12.39 -1.37 0.74
CA LEU A 231 12.44 -0.79 2.08
C LEU A 231 11.39 -1.46 2.96
N ALA A 232 11.38 -1.07 4.24
CA ALA A 232 10.54 -1.74 5.24
C ALA A 232 10.76 -3.25 5.26
N VAL A 233 12.03 -3.65 5.21
CA VAL A 233 12.37 -5.07 5.23
C VAL A 233 13.40 -5.33 6.33
N GLY A 234 13.35 -4.52 7.39
CA GLY A 234 14.16 -4.74 8.57
C GLY A 234 15.19 -3.67 8.84
N GLU A 235 15.28 -2.62 8.02
CA GLU A 235 16.34 -1.63 8.17
C GLU A 235 16.04 -0.59 9.25
N GLY A 236 14.79 -0.45 9.67
CA GLY A 236 14.45 0.53 10.69
C GLY A 236 14.16 1.90 10.10
N GLN A 237 13.45 2.71 10.88
CA GLN A 237 12.93 3.97 10.36
C GLN A 237 14.03 4.95 10.02
N ASP A 238 15.05 5.07 10.87
CA ASP A 238 16.16 6.00 10.58
C ASP A 238 16.77 5.70 9.21
N GLU A 239 17.06 4.43 8.95
CA GLU A 239 17.69 4.06 7.69
C GLU A 239 16.71 4.19 6.53
N MET A 240 15.45 3.82 6.74
CA MET A 240 14.45 4.00 5.69
C MET A 240 14.34 5.46 5.29
N PHE A 241 14.28 6.36 6.29
CA PHE A 241 14.21 7.78 6.00
C PHE A 241 15.47 8.29 5.30
N ARG A 242 16.65 7.80 5.73
CA ARG A 242 17.89 8.20 5.07
C ARG A 242 17.89 7.81 3.60
N VAL A 243 17.40 6.60 3.28
CA VAL A 243 17.35 6.17 1.90
C VAL A 243 16.31 6.98 1.11
N LEU A 244 15.15 7.24 1.71
CA LEU A 244 14.14 8.07 1.06
C LEU A 244 14.69 9.46 0.76
N ASP A 245 15.50 10.01 1.66
CA ASP A 245 16.04 11.36 1.49
C ASP A 245 16.68 11.52 0.12
N PHE A 246 17.51 10.55 -0.29
CA PHE A 246 18.13 10.68 -1.60
C PHE A 246 17.39 9.97 -2.72
N SER A 247 16.51 9.02 -2.39
CA SER A 247 15.91 8.19 -3.43
C SER A 247 14.72 8.87 -4.10
N VAL A 248 13.81 9.47 -3.33
CA VAL A 248 12.62 10.08 -3.92
C VAL A 248 12.97 11.19 -4.91
N PRO A 249 13.94 12.08 -4.64
CA PRO A 249 14.26 13.13 -5.63
C PRO A 249 14.75 12.59 -6.96
N MET A 250 15.19 11.32 -7.00
CA MET A 250 15.63 10.73 -8.26
C MET A 250 14.47 10.40 -9.19
N LEU A 251 13.27 10.26 -8.66
CA LEU A 251 12.12 9.88 -9.46
C LEU A 251 11.54 11.11 -10.16
N PRO A 252 10.85 10.92 -11.28
CA PRO A 252 10.17 12.06 -11.92
C PRO A 252 9.23 12.76 -10.95
N ASP A 253 9.35 14.09 -10.90
CA ASP A 253 8.54 14.88 -10.00
C ASP A 253 7.07 14.83 -10.35
N ASP A 254 6.74 14.71 -11.64
CA ASP A 254 5.37 14.87 -12.12
C ASP A 254 4.56 13.58 -12.09
N LYS A 255 5.08 12.52 -11.49
CA LYS A 255 4.37 11.26 -11.39
C LYS A 255 4.25 10.86 -9.92
N PRO A 256 3.25 10.05 -9.57
CA PRO A 256 3.12 9.62 -8.17
C PRO A 256 4.31 8.81 -7.69
N HIS A 257 4.59 8.94 -6.39
CA HIS A 257 5.65 8.23 -5.70
C HIS A 257 5.01 7.32 -4.66
N TYR A 258 5.29 6.02 -4.76
CA TYR A 258 4.60 5.01 -3.96
C TYR A 258 5.60 4.28 -3.07
N LEU A 259 5.33 4.25 -1.76
CA LEU A 259 6.15 3.48 -0.83
C LEU A 259 5.31 2.31 -0.33
N MET A 260 5.56 1.12 -0.88
CA MET A 260 4.72 -0.02 -0.52
C MET A 260 5.11 -0.60 0.83
N GLY A 261 4.11 -1.13 1.53
CA GLY A 261 4.32 -1.83 2.78
C GLY A 261 4.59 -0.95 3.98
N VAL A 262 4.31 0.35 3.87
CA VAL A 262 4.55 1.31 4.94
C VAL A 262 3.22 1.99 5.24
N GLY A 263 2.84 2.13 6.52
CA GLY A 263 3.58 1.67 7.67
C GLY A 263 2.87 2.19 8.92
N LYS A 264 3.62 2.38 10.01
CA LYS A 264 3.07 3.00 11.20
C LYS A 264 2.75 4.45 10.89
N PRO A 265 1.84 5.07 11.66
CA PRO A 265 1.48 6.47 11.39
C PRO A 265 2.66 7.41 11.26
N ASP A 266 3.67 7.26 12.13
N ASP A 266 3.67 7.28 12.13
CA ASP A 266 4.83 8.15 12.05
CA ASP A 266 4.84 8.15 12.05
C ASP A 266 5.69 7.84 10.83
C ASP A 266 5.68 7.85 10.81
N ASP A 267 5.71 6.59 10.37
CA ASP A 267 6.40 6.27 9.12
C ASP A 267 5.76 7.01 7.95
N ILE A 268 4.43 7.03 7.91
CA ILE A 268 3.71 7.69 6.83
C ILE A 268 3.98 9.19 6.83
N VAL A 269 3.88 9.84 8.01
CA VAL A 269 4.13 11.28 8.09
C VAL A 269 5.52 11.62 7.59
N GLY A 270 6.54 10.90 8.06
CA GLY A 270 7.89 11.21 7.62
C GLY A 270 8.13 10.89 6.15
N ALA A 271 7.48 9.85 5.64
CA ALA A 271 7.61 9.54 4.21
C ALA A 271 6.96 10.62 3.34
N VAL A 272 5.83 11.19 3.77
CA VAL A 272 5.21 12.29 3.05
C VAL A 272 6.13 13.51 3.07
N GLU A 273 6.76 13.79 4.21
CA GLU A 273 7.76 14.84 4.30
C GLU A 273 8.89 14.64 3.31
N ARG A 274 9.08 13.41 2.81
CA ARG A 274 10.16 13.08 1.89
C ARG A 274 9.67 12.86 0.46
N GLY A 275 8.40 13.17 0.18
CA GLY A 275 7.89 13.17 -1.17
C GLY A 275 7.07 11.97 -1.59
N ILE A 276 6.62 11.13 -0.65
CA ILE A 276 5.79 9.97 -1.01
C ILE A 276 4.33 10.36 -1.07
N ASP A 277 3.62 9.83 -2.07
CA ASP A 277 2.23 10.14 -2.36
C ASP A 277 1.27 8.98 -2.08
N MET A 278 1.77 7.75 -1.92
CA MET A 278 0.90 6.58 -1.82
C MET A 278 1.52 5.54 -0.89
N PHE A 279 0.66 4.84 -0.15
CA PHE A 279 1.05 3.88 0.88
C PHE A 279 0.03 2.76 0.92
N ASP A 280 0.51 1.58 1.35
CA ASP A 280 -0.34 0.47 1.75
C ASP A 280 0.35 -0.27 2.88
N CYS A 281 -0.44 -0.91 3.74
N CYS A 281 -0.43 -0.87 3.78
CA CYS A 281 0.11 -1.68 4.85
CA CYS A 281 0.17 -1.78 4.74
C CYS A 281 -0.98 -2.52 5.48
C CYS A 281 -0.94 -2.51 5.49
N VAL A 282 -0.61 -3.72 5.94
CA VAL A 282 -1.55 -4.54 6.68
C VAL A 282 -1.69 -4.12 8.14
N LEU A 283 -0.86 -3.20 8.62
CA LEU A 283 -0.86 -2.88 10.06
C LEU A 283 -2.25 -2.52 10.61
N PRO A 284 -3.02 -1.60 10.02
CA PRO A 284 -4.32 -1.27 10.65
C PRO A 284 -5.29 -2.44 10.71
N THR A 285 -5.33 -3.26 9.65
CA THR A 285 -6.25 -4.39 9.62
C THR A 285 -5.77 -5.52 10.52
N ARG A 286 -4.55 -6.02 10.26
CA ARG A 286 -4.04 -7.15 11.03
C ARG A 286 -3.92 -6.82 12.51
N SER A 287 -3.35 -5.67 12.86
CA SER A 287 -3.19 -5.39 14.28
C SER A 287 -4.52 -5.05 14.95
N GLY A 288 -5.47 -4.51 14.17
CA GLY A 288 -6.83 -4.35 14.69
C GLY A 288 -7.44 -5.67 15.13
N ARG A 289 -7.33 -6.70 14.28
CA ARG A 289 -7.84 -8.01 14.66
C ARG A 289 -7.15 -8.56 15.90
N ASN A 290 -5.89 -8.17 16.12
CA ASN A 290 -5.14 -8.59 17.28
C ASN A 290 -5.34 -7.70 18.50
N GLY A 291 -6.20 -6.69 18.43
CA GLY A 291 -6.52 -5.89 19.60
C GLY A 291 -5.78 -4.57 19.74
N GLN A 292 -4.98 -4.16 18.75
CA GLN A 292 -4.31 -2.87 18.81
C GLN A 292 -5.16 -1.83 18.10
N ALA A 293 -5.50 -0.76 18.82
CA ALA A 293 -6.27 0.36 18.26
C ALA A 293 -5.39 1.60 18.19
N PHE A 294 -5.45 2.29 17.05
CA PHE A 294 -4.70 3.53 16.91
C PHE A 294 -5.48 4.72 17.47
N THR A 295 -4.79 5.58 18.19
CA THR A 295 -5.36 6.81 18.72
C THR A 295 -4.36 7.93 18.50
N TRP A 296 -4.85 9.18 18.61
CA TRP A 296 -3.96 10.32 18.45
C TRP A 296 -2.95 10.44 19.59
N ASP A 297 -3.15 9.70 20.69
CA ASP A 297 -2.19 9.62 21.76
C ASP A 297 -1.35 8.36 21.71
N GLY A 298 -1.32 7.69 20.55
CA GLY A 298 -0.56 6.47 20.38
C GLY A 298 -1.47 5.26 20.40
N PRO A 299 -0.92 4.10 20.03
CA PRO A 299 -1.74 2.88 20.01
C PRO A 299 -2.04 2.39 21.41
N ILE A 300 -3.18 1.72 21.54
CA ILE A 300 -3.57 1.05 22.78
C ILE A 300 -3.86 -0.40 22.49
N ASN A 301 -3.68 -1.26 23.49
CA ASN A 301 -4.05 -2.67 23.38
C ASN A 301 -5.34 -2.86 24.15
N ILE A 302 -6.44 -2.98 23.40
CA ILE A 302 -7.76 -3.03 23.99
C ILE A 302 -7.98 -4.25 24.87
N ARG A 303 -7.10 -5.26 24.77
N ARG A 303 -7.15 -5.30 24.71
CA ARG A 303 -7.19 -6.41 25.66
CA ARG A 303 -7.26 -6.47 25.56
C ARG A 303 -6.79 -6.09 27.10
C ARG A 303 -6.91 -6.18 27.01
N ASN A 304 -6.07 -4.99 27.32
N ASN A 304 -6.18 -5.10 27.27
CA ASN A 304 -5.59 -4.69 28.67
CA ASN A 304 -5.68 -4.84 28.61
C ASN A 304 -6.76 -4.54 29.63
C ASN A 304 -6.82 -4.64 29.59
N ALA A 305 -6.62 -5.12 30.82
CA ALA A 305 -7.66 -5.10 31.84
C ALA A 305 -8.12 -3.68 32.17
N ARG A 306 -7.25 -2.68 31.96
CA ARG A 306 -7.60 -1.30 32.26
C ARG A 306 -8.78 -0.80 31.44
N PHE A 307 -9.13 -1.47 30.34
CA PHE A 307 -10.23 -1.04 29.48
C PHE A 307 -11.54 -1.73 29.80
N SER A 308 -11.56 -2.64 30.79
CA SER A 308 -12.74 -3.49 31.00
C SER A 308 -13.99 -2.68 31.38
N GLU A 309 -13.81 -1.50 31.98
CA GLU A 309 -14.95 -0.68 32.36
C GLU A 309 -14.83 0.74 31.83
N ASP A 310 -14.05 0.94 30.76
CA ASP A 310 -13.80 2.25 30.18
C ASP A 310 -14.92 2.56 29.17
N LEU A 311 -15.76 3.54 29.50
CA LEU A 311 -16.88 3.87 28.63
C LEU A 311 -16.52 4.77 27.46
N LYS A 312 -15.29 5.28 27.40
CA LYS A 312 -14.90 6.19 26.33
C LYS A 312 -14.76 5.42 25.02
N PRO A 313 -14.91 6.09 23.88
CA PRO A 313 -14.63 5.45 22.60
C PRO A 313 -13.14 5.16 22.46
N LEU A 314 -12.82 4.35 21.45
CA LEU A 314 -11.42 4.01 21.20
C LEU A 314 -10.53 5.25 21.14
N ASP A 315 -10.95 6.27 20.39
CA ASP A 315 -10.23 7.52 20.34
C ASP A 315 -11.20 8.68 20.59
N SER A 316 -10.72 9.69 21.31
CA SER A 316 -11.59 10.77 21.79
C SER A 316 -12.04 11.72 20.69
N GLU A 317 -11.33 11.78 19.56
CA GLU A 317 -11.67 12.70 18.48
C GLU A 317 -12.17 12.01 17.23
N CYS A 318 -11.90 10.72 17.08
CA CYS A 318 -12.23 9.97 15.87
C CYS A 318 -13.71 10.09 15.53
N HIS A 319 -13.99 10.29 14.24
CA HIS A 319 -15.35 10.47 13.74
C HIS A 319 -15.97 9.19 13.22
N CYS A 320 -15.30 8.05 13.40
CA CYS A 320 -15.79 6.84 12.75
C CYS A 320 -17.03 6.32 13.47
N ALA A 321 -17.74 5.43 12.77
CA ALA A 321 -19.00 4.91 13.32
C ALA A 321 -18.77 4.09 14.59
N VAL A 322 -17.63 3.43 14.71
CA VAL A 322 -17.34 2.66 15.91
C VAL A 322 -17.23 3.56 17.12
N CYS A 323 -16.51 4.68 16.97
CA CYS A 323 -16.32 5.61 18.07
C CYS A 323 -17.58 6.41 18.38
N GLN A 324 -18.55 6.43 17.45
N GLN A 324 -18.50 6.54 17.42
CA GLN A 324 -19.84 7.05 17.72
CA GLN A 324 -19.75 7.22 17.72
C GLN A 324 -20.79 6.12 18.48
C GLN A 324 -20.65 6.40 18.63
N LYS A 325 -20.57 4.80 18.45
N LYS A 325 -20.49 5.07 18.66
CA LYS A 325 -21.59 3.87 18.93
CA LYS A 325 -21.50 4.20 19.25
C LYS A 325 -21.16 2.95 20.07
C LYS A 325 -20.99 3.33 20.38
N TRP A 326 -19.87 2.62 20.20
CA TRP A 326 -19.44 1.62 21.16
C TRP A 326 -18.28 2.09 22.03
N SER A 327 -18.23 1.53 23.24
CA SER A 327 -17.21 1.85 24.22
C SER A 327 -15.99 0.93 24.09
N ARG A 328 -14.87 1.43 24.62
CA ARG A 328 -13.71 0.57 24.86
C ARG A 328 -14.08 -0.68 25.63
N ALA A 329 -14.91 -0.54 26.67
CA ALA A 329 -15.29 -1.69 27.48
C ALA A 329 -15.96 -2.78 26.64
N TYR A 330 -16.86 -2.39 25.74
CA TYR A 330 -17.52 -3.39 24.90
C TYR A 330 -16.53 -4.05 23.94
N ILE A 331 -15.69 -3.25 23.29
CA ILE A 331 -14.75 -3.82 22.32
C ILE A 331 -13.72 -4.70 23.03
N HIS A 332 -13.31 -4.30 24.24
CA HIS A 332 -12.45 -5.13 25.09
C HIS A 332 -13.07 -6.50 25.30
N HIS A 333 -14.35 -6.53 25.69
CA HIS A 333 -15.05 -7.78 25.87
C HIS A 333 -15.06 -8.61 24.60
N LEU A 334 -15.39 -7.98 23.46
CA LEU A 334 -15.46 -8.73 22.20
C LEU A 334 -14.12 -9.37 21.84
N ILE A 335 -13.04 -8.60 21.97
CA ILE A 335 -11.72 -9.11 21.60
C ILE A 335 -11.29 -10.22 22.56
N ARG A 336 -11.50 -10.02 23.86
CA ARG A 336 -11.18 -11.07 24.84
C ARG A 336 -11.95 -12.34 24.54
N ALA A 337 -13.19 -12.22 24.09
CA ALA A 337 -14.04 -13.36 23.82
C ALA A 337 -13.79 -13.99 22.45
N GLY A 338 -12.95 -13.38 21.62
CA GLY A 338 -12.75 -13.92 20.29
C GLY A 338 -13.91 -13.71 19.33
N GLU A 339 -14.74 -12.72 19.59
CA GLU A 339 -15.94 -12.48 18.78
C GLU A 339 -15.59 -11.80 17.46
N ILE A 340 -16.23 -12.26 16.38
CA ILE A 340 -16.04 -11.68 15.06
C ILE A 340 -16.33 -10.18 15.08
N LEU A 341 -17.38 -9.75 15.80
CA LEU A 341 -17.68 -8.32 15.84
C LEU A 341 -16.53 -7.51 16.42
N GLY A 342 -15.72 -8.10 17.30
CA GLY A 342 -14.55 -7.40 17.77
C GLY A 342 -13.58 -7.08 16.65
N ALA A 343 -13.31 -8.07 15.80
CA ALA A 343 -12.45 -7.85 14.64
C ALA A 343 -13.04 -6.81 13.71
N MET A 344 -14.35 -6.87 13.50
CA MET A 344 -15.01 -5.92 12.59
C MET A 344 -14.87 -4.50 13.10
N LEU A 345 -15.16 -4.27 14.39
CA LEU A 345 -15.15 -2.92 14.93
C LEU A 345 -13.74 -2.36 15.02
N MET A 346 -12.77 -3.17 15.50
CA MET A 346 -11.38 -2.71 15.57
C MET A 346 -10.85 -2.35 14.19
N THR A 347 -11.16 -3.16 13.19
CA THR A 347 -10.65 -2.92 11.84
C THR A 347 -11.25 -1.64 11.25
N GLU A 348 -12.57 -1.47 11.38
CA GLU A 348 -13.21 -0.27 10.86
C GLU A 348 -12.60 0.98 11.48
N HIS A 349 -12.43 0.97 12.81
CA HIS A 349 -11.84 2.14 13.46
C HIS A 349 -10.42 2.37 12.96
N ASN A 350 -9.59 1.33 12.89
CA ASN A 350 -8.19 1.54 12.51
C ASN A 350 -8.07 2.05 11.08
N ILE A 351 -8.86 1.49 10.16
CA ILE A 351 -8.83 1.98 8.78
C ILE A 351 -9.34 3.41 8.72
N ALA A 352 -10.39 3.73 9.50
CA ALA A 352 -10.87 5.11 9.56
C ALA A 352 -9.82 6.05 10.13
N PHE A 353 -9.10 5.60 11.17
CA PHE A 353 -8.02 6.42 11.74
C PHE A 353 -6.97 6.71 10.68
N TYR A 354 -6.54 5.68 9.94
CA TYR A 354 -5.56 5.90 8.88
C TYR A 354 -6.06 6.90 7.83
N GLN A 355 -7.34 6.80 7.45
CA GLN A 355 -7.87 7.74 6.46
C GLN A 355 -7.94 9.16 7.03
N GLN A 356 -8.26 9.28 8.33
CA GLN A 356 -8.25 10.60 8.96
C GLN A 356 -6.84 11.18 9.01
N LEU A 357 -5.84 10.33 9.25
CA LEU A 357 -4.46 10.76 9.16
C LEU A 357 -4.15 11.30 7.77
N MET A 358 -4.53 10.56 6.73
CA MET A 358 -4.25 11.04 5.37
C MET A 358 -4.98 12.36 5.09
N GLN A 359 -6.21 12.49 5.57
CA GLN A 359 -6.96 13.74 5.36
C GLN A 359 -6.28 14.91 6.04
N LYS A 360 -5.80 14.72 7.27
CA LYS A 360 -5.09 15.78 7.98
C LYS A 360 -3.79 16.15 7.26
N ILE A 361 -3.09 15.15 6.71
CA ILE A 361 -1.89 15.41 5.94
C ILE A 361 -2.23 16.23 4.70
N ARG A 362 -3.24 15.78 3.93
CA ARG A 362 -3.64 16.51 2.72
C ARG A 362 -4.03 17.95 3.04
N ASP A 363 -4.88 18.13 4.06
CA ASP A 363 -5.35 19.48 4.38
C ASP A 363 -4.22 20.36 4.87
N SER A 364 -3.30 19.81 5.67
CA SER A 364 -2.20 20.64 6.17
C SER A 364 -1.26 21.06 5.05
N ILE A 365 -0.98 20.18 4.08
CA ILE A 365 -0.17 20.59 2.94
C ILE A 365 -0.88 21.68 2.14
N SER A 366 -2.19 21.51 1.92
CA SER A 366 -2.96 22.49 1.17
C SER A 366 -2.93 23.87 1.83
N GLU A 367 -2.81 23.91 3.15
CA GLU A 367 -2.76 25.16 3.89
C GLU A 367 -1.35 25.62 4.23
N GLY A 368 -0.33 24.88 3.79
CA GLY A 368 1.04 25.28 4.07
C GLY A 368 1.43 25.15 5.53
N ARG A 369 0.81 24.24 6.27
CA ARG A 369 1.11 24.02 7.68
C ARG A 369 1.40 22.55 7.97
N PHE A 370 1.93 21.84 6.97
CA PHE A 370 2.24 20.42 7.18
C PHE A 370 3.39 20.23 8.14
N SER A 371 4.42 21.09 8.08
CA SER A 371 5.53 20.96 9.02
C SER A 371 5.04 21.07 10.45
N GLN A 372 4.14 22.02 10.71
CA GLN A 372 3.60 22.16 12.06
C GLN A 372 2.73 20.97 12.43
N PHE A 373 1.92 20.47 11.50
CA PHE A 373 1.12 19.28 11.77
C PHE A 373 2.01 18.11 12.16
N ALA A 374 3.08 17.89 11.40
CA ALA A 374 3.97 16.77 11.68
C ALA A 374 4.59 16.88 13.08
N GLN A 375 4.99 18.09 13.45
CA GLN A 375 5.55 18.31 14.79
C GLN A 375 4.50 18.08 15.87
N ASP A 376 3.30 18.66 15.69
CA ASP A 376 2.25 18.48 16.69
C ASP A 376 1.82 17.02 16.77
N PHE A 377 1.72 16.35 15.62
CA PHE A 377 1.34 14.94 15.62
C PHE A 377 2.32 14.10 16.41
N ARG A 378 3.63 14.29 16.17
N ARG A 378 3.63 14.30 16.17
CA ARG A 378 4.61 13.46 16.86
CA ARG A 378 4.63 13.48 16.84
C ARG A 378 4.64 13.76 18.36
C ARG A 378 4.69 13.76 18.34
N ALA A 379 4.51 15.02 18.74
CA ALA A 379 4.58 15.37 20.16
C ALA A 379 3.46 14.70 20.95
N ARG A 380 2.27 14.63 20.36
CA ARG A 380 1.14 14.03 21.07
C ARG A 380 1.14 12.51 20.96
N TYR A 381 1.44 11.98 19.77
CA TYR A 381 1.42 10.54 19.55
C TYR A 381 2.46 9.83 20.41
N PHE A 382 3.60 10.45 20.67
CA PHE A 382 4.67 9.84 21.44
C PHE A 382 4.81 10.41 22.85
N ALA A 383 3.83 11.18 23.33
CA ALA A 383 3.90 11.78 24.65
C ALA A 383 4.01 10.73 25.76
C1 GOL B . -17.00 1.70 -3.66
O1 GOL B . -17.42 2.75 -4.50
C2 GOL B . -18.14 0.70 -3.56
O2 GOL B . -18.00 -0.31 -4.56
C3 GOL B . -18.16 0.09 -2.17
O3 GOL B . -19.15 -0.90 -2.10
C1 GOL C . -7.95 -14.29 9.34
O1 GOL C . -6.84 -13.94 8.54
C2 GOL C . -9.23 -14.19 8.51
O2 GOL C . -8.91 -14.45 7.15
C3 GOL C . -9.76 -12.76 8.65
O3 GOL C . -10.81 -12.53 7.74
C1 GOL D . -4.86 15.37 16.34
O1 GOL D . -6.08 16.07 16.30
C2 GOL D . -3.77 16.26 15.75
O2 GOL D . -4.14 16.60 14.44
C3 GOL D . -2.45 15.51 15.72
O3 GOL D . -2.07 15.21 17.04
ZN ZN E . -12.95 5.46 15.57
C1 EDO F . -8.04 -4.65 -17.46
O1 EDO F . -6.66 -4.80 -17.84
C2 EDO F . -8.41 -3.17 -17.37
O2 EDO F . -8.44 -2.73 -16.00
C1 EDO G . 25.34 5.56 -0.12
O1 EDO G . 25.56 4.39 -0.91
C2 EDO G . 24.05 5.39 0.69
O2 EDO G . 24.17 4.24 1.55
C1 EDO H . 24.63 -8.83 4.51
O1 EDO H . 24.30 -9.60 3.35
C2 EDO H . 26.04 -8.26 4.39
O2 EDO H . 25.98 -6.82 4.42
O2 810 I . 10.45 -4.08 -2.97
C12 810 I . 9.28 -4.44 -2.92
C11 810 I . 8.48 -4.53 -1.69
C10 810 I . 9.01 -4.11 -0.47
C9 810 I . 8.23 -4.23 0.67
N4 810 I . 8.48 -3.98 2.01
C7 810 I . 7.38 -4.36 2.70
N3 810 I . 7.32 -4.30 4.04
C8 810 I . 6.16 -4.71 4.80
N2 810 I . 6.42 -4.82 1.92
C6 810 I . 6.94 -4.75 0.62
C5 810 I . 6.40 -5.15 -0.61
C4 810 I . 7.17 -5.03 -1.77
N1 810 I . 6.60 -5.43 -2.98
N5 810 I . 8.63 -4.86 -4.06
C3 810 I . 7.35 -5.31 -4.07
N 810 I . 6.79 -5.65 -5.27
C2 810 I . 5.56 -5.26 -5.74
O1 810 I . 5.01 -5.69 -6.73
O 810 I . 5.04 -4.33 -4.94
C1 810 I . 3.76 -3.76 -5.35
C 810 I . 3.08 -3.24 -4.15
CL CL J . 2.40 -4.58 4.85
#